data_5O08
#
_entry.id   5O08
#
_cell.length_a   76.046
_cell.length_b   124.828
_cell.length_c   116.189
_cell.angle_alpha   90.000
_cell.angle_beta   90.000
_cell.angle_gamma   90.000
#
_symmetry.space_group_name_H-M   'C 2 2 21'
#
loop_
_entity.id
_entity.type
_entity.pdbx_description
1 polymer 'Phosphopantetheine adenylyltransferase'
2 non-polymer 'DEPHOSPHO COENZYME A'
3 non-polymer 1,2-ETHANEDIOL
4 water water
#
_entity_poly.entity_id   1
_entity_poly.type   'polypeptide(L)'
_entity_poly.pdbx_seq_one_letter_code
;SMTGAVCPGSFDPVTLGHLDVFERAAAQFDEVIVAVLINPNKAGMFTVDERIEMIRESTADLPNLRVESGQGLLVDFVRE
RGLNAIVKGLRTGTDFEYELQMAQMNKHIAGVDTFFVATAPAYSFVSSSLAKEVATYGGDVSALLPASVHQRLLGKLRGQ
AQ
;
_entity_poly.pdbx_strand_id   A,B,C
#
# COMPACT_ATOMS: atom_id res chain seq x y z
N MET A 2 1.31 -29.45 -24.90
CA MET A 2 1.76 -30.35 -23.83
C MET A 2 1.93 -29.58 -22.53
N THR A 3 2.95 -28.72 -22.45
CA THR A 3 3.11 -27.85 -21.30
C THR A 3 2.37 -26.53 -21.55
N GLY A 4 1.89 -25.90 -20.49
CA GLY A 4 1.11 -24.69 -20.63
C GLY A 4 1.12 -23.87 -19.37
N ALA A 5 0.89 -22.58 -19.52
CA ALA A 5 0.83 -21.68 -18.37
C ALA A 5 -0.20 -20.58 -18.61
N VAL A 6 -0.76 -20.08 -17.52
CA VAL A 6 -1.67 -18.96 -17.58
C VAL A 6 -0.96 -17.71 -17.08
N CYS A 7 -1.10 -16.60 -17.80
CA CYS A 7 -0.57 -15.32 -17.36
C CYS A 7 -1.73 -14.40 -16.98
N PRO A 8 -2.08 -14.34 -15.69
CA PRO A 8 -3.25 -13.57 -15.25
C PRO A 8 -2.90 -12.17 -14.80
N GLY A 9 -3.89 -11.30 -14.79
CA GLY A 9 -3.68 -9.92 -14.39
C GLY A 9 -4.90 -9.09 -14.64
N SER A 10 -4.88 -7.86 -14.15
CA SER A 10 -5.87 -6.86 -14.50
C SER A 10 -5.65 -6.35 -15.91
N PHE A 11 -4.38 -6.12 -16.26
CA PHE A 11 -3.99 -5.59 -17.57
C PHE A 11 -4.87 -4.42 -17.99
N ASP A 12 -4.85 -3.38 -17.17
CA ASP A 12 -5.77 -2.26 -17.27
C ASP A 12 -5.05 -0.92 -17.44
N PRO A 13 -4.42 -0.68 -18.60
CA PRO A 13 -4.27 -1.50 -19.80
C PRO A 13 -2.97 -2.29 -19.80
N VAL A 14 -2.87 -3.25 -20.71
CA VAL A 14 -1.62 -3.95 -20.90
C VAL A 14 -0.47 -2.98 -21.28
N THR A 15 0.69 -3.18 -20.68
CA THR A 15 1.86 -2.36 -20.97
C THR A 15 2.93 -3.20 -21.64
N LEU A 16 4.02 -2.55 -22.06
CA LEU A 16 5.14 -3.29 -22.64
C LEU A 16 5.80 -4.17 -21.60
N GLY A 17 5.64 -3.82 -20.32
CA GLY A 17 6.12 -4.67 -19.24
C GLY A 17 5.39 -6.01 -19.23
N HIS A 18 4.06 -5.97 -19.32
CA HIS A 18 3.25 -7.18 -19.39
C HIS A 18 3.60 -7.99 -20.62
N LEU A 19 3.72 -7.31 -21.75
CA LEU A 19 3.96 -7.99 -23.03
C LEU A 19 5.28 -8.73 -22.99
N ASP A 20 6.25 -8.14 -22.31
CA ASP A 20 7.54 -8.77 -22.18
C ASP A 20 7.41 -10.10 -21.43
N VAL A 21 6.60 -10.11 -20.36
CA VAL A 21 6.31 -11.33 -19.62
C VAL A 21 5.62 -12.36 -20.53
N PHE A 22 4.64 -11.91 -21.31
CA PHE A 22 3.90 -12.84 -22.19
C PHE A 22 4.85 -13.52 -23.15
N GLU A 23 5.76 -12.73 -23.72
CA GLU A 23 6.68 -13.21 -24.75
C GLU A 23 7.62 -14.26 -24.17
N ARG A 24 8.05 -14.02 -22.95
CA ARG A 24 9.00 -14.90 -22.31
C ARG A 24 8.31 -16.19 -21.85
N ALA A 25 7.05 -16.06 -21.42
CA ALA A 25 6.26 -17.24 -21.09
C ALA A 25 6.00 -18.07 -22.34
N ALA A 26 5.64 -17.39 -23.42
CA ALA A 26 5.30 -18.09 -24.66
C ALA A 26 6.50 -18.79 -25.28
N ALA A 27 7.71 -18.32 -24.95
CA ALA A 27 8.94 -18.91 -25.47
C ALA A 27 9.37 -20.18 -24.72
N GLN A 28 8.69 -20.48 -23.62
CA GLN A 28 9.08 -21.58 -22.76
C GLN A 28 7.98 -22.65 -22.65
N PHE A 29 6.72 -22.23 -22.76
CA PHE A 29 5.59 -23.14 -22.63
C PHE A 29 4.92 -23.35 -24.00
N ASP A 30 4.32 -24.51 -24.21
CA ASP A 30 3.72 -24.82 -25.50
C ASP A 30 2.49 -23.97 -25.79
N GLU A 31 1.70 -23.68 -24.75
CA GLU A 31 0.59 -22.75 -24.90
C GLU A 31 0.56 -21.81 -23.70
N VAL A 32 0.19 -20.57 -23.98
CA VAL A 32 0.00 -19.58 -22.93
C VAL A 32 -1.40 -19.03 -23.08
N ILE A 33 -2.12 -18.93 -21.98
CA ILE A 33 -3.39 -18.23 -21.96
C ILE A 33 -3.26 -17.02 -21.06
N VAL A 34 -3.46 -15.84 -21.65
CA VAL A 34 -3.51 -14.63 -20.85
C VAL A 34 -4.92 -14.54 -20.31
N ALA A 35 -5.03 -14.38 -19.00
CA ALA A 35 -6.31 -14.36 -18.32
C ALA A 35 -6.59 -12.97 -17.79
N VAL A 36 -7.60 -12.32 -18.33
CA VAL A 36 -7.96 -10.99 -17.87
C VAL A 36 -9.02 -11.16 -16.80
N LEU A 37 -8.64 -10.80 -15.58
CA LEU A 37 -9.50 -10.98 -14.41
C LEU A 37 -9.69 -9.66 -13.73
N ILE A 38 -10.80 -9.53 -13.02
CA ILE A 38 -11.01 -8.37 -12.19
C ILE A 38 -10.31 -8.56 -10.84
N ASN A 39 -9.51 -7.58 -10.46
CA ASN A 39 -8.96 -7.47 -9.11
C ASN A 39 -9.99 -6.80 -8.22
N PRO A 40 -10.50 -7.53 -7.22
CA PRO A 40 -11.55 -7.05 -6.32
C PRO A 40 -11.17 -5.80 -5.57
N ASN A 41 -9.87 -5.50 -5.51
CA ASN A 41 -9.37 -4.43 -4.67
C ASN A 41 -8.92 -3.21 -5.46
N LYS A 42 -9.25 -3.20 -6.75
CA LYS A 42 -8.87 -2.10 -7.64
C LYS A 42 -10.07 -1.49 -8.36
N ALA A 43 -10.03 -0.17 -8.54
CA ALA A 43 -10.92 0.47 -9.49
C ALA A 43 -10.31 0.30 -10.87
N GLY A 44 -11.15 0.03 -11.86
CA GLY A 44 -10.66 -0.19 -13.21
C GLY A 44 -11.02 0.95 -14.15
N MET A 45 -10.25 1.08 -15.22
CA MET A 45 -10.55 2.09 -16.23
C MET A 45 -11.26 1.47 -17.42
N PHE A 46 -10.67 0.40 -17.95
CA PHE A 46 -11.23 -0.27 -19.11
C PHE A 46 -12.09 -1.47 -18.75
N THR A 47 -13.13 -1.74 -19.54
CA THR A 47 -13.88 -2.97 -19.37
C THR A 47 -13.01 -4.17 -19.70
N VAL A 48 -13.41 -5.35 -19.22
CA VAL A 48 -12.69 -6.57 -19.53
C VAL A 48 -12.59 -6.79 -21.04
N ASP A 49 -13.69 -6.55 -21.75
CA ASP A 49 -13.68 -6.71 -23.18
C ASP A 49 -12.70 -5.75 -23.86
N GLU A 50 -12.61 -4.50 -23.37
CA GLU A 50 -11.63 -3.56 -23.89
C GLU A 50 -10.20 -4.04 -23.64
N ARG A 51 -9.96 -4.57 -22.45
CA ARG A 51 -8.65 -5.11 -22.10
C ARG A 51 -8.25 -6.27 -22.98
N ILE A 52 -9.20 -7.16 -23.24
CA ILE A 52 -8.94 -8.30 -24.12
C ILE A 52 -8.58 -7.83 -25.53
N GLU A 53 -9.37 -6.89 -26.07
CA GLU A 53 -9.08 -6.32 -27.38
C GLU A 53 -7.67 -5.77 -27.48
N MET A 54 -7.24 -5.04 -26.46
CA MET A 54 -5.92 -4.41 -26.52
C MET A 54 -4.81 -5.44 -26.46
N ILE A 55 -5.01 -6.50 -25.69
CA ILE A 55 -3.99 -7.54 -25.61
C ILE A 55 -3.92 -8.36 -26.90
N ARG A 56 -5.09 -8.72 -27.42
CA ARG A 56 -5.14 -9.44 -28.69
C ARG A 56 -4.47 -8.63 -29.79
N GLU A 57 -4.75 -7.33 -29.80
CA GLU A 57 -4.10 -6.41 -30.74
C GLU A 57 -2.58 -6.42 -30.62
N SER A 58 -2.09 -6.60 -29.39
CA SER A 58 -0.67 -6.43 -29.09
C SER A 58 0.14 -7.73 -29.08
N THR A 59 -0.53 -8.87 -29.26
CA THR A 59 0.14 -10.17 -29.17
C THR A 59 0.06 -10.98 -30.47
N ALA A 60 -0.04 -10.29 -31.60
CA ALA A 60 -0.17 -10.95 -32.89
C ALA A 60 1.06 -11.79 -33.26
N ASP A 61 2.23 -11.40 -32.77
CA ASP A 61 3.46 -12.10 -33.12
C ASP A 61 3.71 -13.31 -32.21
N LEU A 62 2.73 -13.62 -31.36
CA LEU A 62 2.86 -14.75 -30.43
C LEU A 62 1.84 -15.83 -30.79
N PRO A 63 2.25 -16.78 -31.66
CA PRO A 63 1.32 -17.75 -32.24
C PRO A 63 0.70 -18.71 -31.22
N ASN A 64 1.42 -19.04 -30.15
CA ASN A 64 0.92 -20.03 -29.19
C ASN A 64 0.25 -19.40 -27.97
N LEU A 65 -0.11 -18.13 -28.09
CA LEU A 65 -0.75 -17.41 -27.00
C LEU A 65 -2.18 -17.03 -27.40
N ARG A 66 -3.10 -17.15 -26.47
CA ARG A 66 -4.44 -16.61 -26.66
C ARG A 66 -4.90 -15.89 -25.40
N VAL A 67 -5.97 -15.10 -25.53
CA VAL A 67 -6.46 -14.23 -24.45
C VAL A 67 -7.92 -14.48 -24.14
N GLU A 68 -8.21 -14.73 -22.86
CA GLU A 68 -9.56 -15.00 -22.41
C GLU A 68 -9.81 -14.32 -21.07
N SER A 69 -11.06 -14.33 -20.62
CA SER A 69 -11.40 -13.75 -19.33
C SER A 69 -11.94 -14.80 -18.36
N GLY A 70 -12.02 -14.45 -17.09
CA GLY A 70 -12.54 -15.35 -16.07
C GLY A 70 -13.26 -14.58 -14.99
N GLN A 71 -14.27 -15.21 -14.39
CA GLN A 71 -15.16 -14.53 -13.45
C GLN A 71 -14.98 -14.95 -12.00
N GLY A 72 -14.25 -16.04 -11.76
CA GLY A 72 -14.14 -16.53 -10.39
C GLY A 72 -12.72 -16.58 -9.87
N LEU A 73 -12.39 -17.65 -9.15
CA LEU A 73 -11.04 -17.88 -8.69
C LEU A 73 -10.08 -18.13 -9.84
N LEU A 74 -8.90 -17.53 -9.75
CA LEU A 74 -7.84 -17.80 -10.71
C LEU A 74 -7.55 -19.29 -10.81
N VAL A 75 -7.46 -19.99 -9.68
CA VAL A 75 -7.11 -21.41 -9.73
C VAL A 75 -8.15 -22.24 -10.47
N ASP A 76 -9.41 -21.80 -10.45
CA ASP A 76 -10.47 -22.49 -11.20
C ASP A 76 -10.26 -22.25 -12.69
N PHE A 77 -9.93 -21.01 -13.07
CA PHE A 77 -9.65 -20.68 -14.46
C PHE A 77 -8.55 -21.59 -14.99
N VAL A 78 -7.48 -21.74 -14.20
CA VAL A 78 -6.32 -22.52 -14.59
C VAL A 78 -6.64 -24.01 -14.74
N ARG A 79 -7.24 -24.60 -13.71
CA ARG A 79 -7.52 -26.04 -13.72
C ARG A 79 -8.59 -26.43 -14.73
N GLU A 80 -9.57 -25.56 -14.95
CA GLU A 80 -10.61 -25.85 -15.96
C GLU A 80 -10.01 -25.95 -17.37
N ARG A 81 -8.86 -25.32 -17.59
CA ARG A 81 -8.19 -25.45 -18.88
C ARG A 81 -7.16 -26.56 -18.87
N GLY A 82 -7.18 -27.36 -17.81
CA GLY A 82 -6.33 -28.53 -17.71
C GLY A 82 -4.87 -28.17 -17.49
N LEU A 83 -4.64 -26.99 -16.92
CA LEU A 83 -3.28 -26.56 -16.64
C LEU A 83 -3.01 -26.52 -15.15
N ASN A 84 -1.76 -26.31 -14.77
CA ASN A 84 -1.42 -26.25 -13.36
C ASN A 84 -0.33 -25.23 -13.05
N ALA A 85 -0.10 -24.32 -13.99
CA ALA A 85 0.95 -23.30 -13.80
C ALA A 85 0.46 -21.88 -14.11
N ILE A 86 0.90 -20.95 -13.27
CA ILE A 86 0.64 -19.53 -13.39
C ILE A 86 2.00 -18.86 -13.60
N VAL A 87 2.07 -17.86 -14.48
CA VAL A 87 3.30 -17.07 -14.64
C VAL A 87 3.01 -15.59 -14.38
N LYS A 88 3.80 -15.00 -13.49
CA LYS A 88 3.63 -13.60 -13.07
C LYS A 88 4.96 -12.89 -13.14
N GLY A 89 4.95 -11.59 -13.40
CA GLY A 89 6.19 -10.84 -13.39
C GLY A 89 6.42 -10.10 -12.09
N LEU A 90 7.69 -9.81 -11.78
CA LEU A 90 8.06 -9.07 -10.59
C LEU A 90 8.95 -7.88 -10.93
N ARG A 91 8.56 -6.69 -10.47
CA ARG A 91 9.43 -5.51 -10.58
C ARG A 91 10.13 -5.23 -9.27
N THR A 92 9.35 -5.22 -8.19
CA THR A 92 9.77 -4.66 -6.91
C THR A 92 9.65 -5.64 -5.76
N GLY A 93 10.24 -5.28 -4.63
CA GLY A 93 10.09 -6.07 -3.42
C GLY A 93 8.66 -6.18 -2.96
N THR A 94 7.87 -5.13 -3.22
CA THR A 94 6.45 -5.16 -2.88
C THR A 94 5.72 -6.12 -3.79
N ASP A 95 6.05 -6.12 -5.08
CA ASP A 95 5.49 -7.14 -5.99
C ASP A 95 5.80 -8.52 -5.43
N PHE A 96 7.05 -8.71 -5.01
CA PHE A 96 7.45 -10.02 -4.51
C PHE A 96 6.58 -10.47 -3.33
N GLU A 97 6.37 -9.60 -2.34
CA GLU A 97 5.60 -9.99 -1.17
C GLU A 97 4.15 -10.31 -1.53
N TYR A 98 3.59 -9.48 -2.40
CA TYR A 98 2.21 -9.59 -2.82
C TYR A 98 2.01 -10.87 -3.61
N GLU A 99 2.94 -11.14 -4.52
CA GLU A 99 2.85 -12.31 -5.39
C GLU A 99 3.18 -13.60 -4.63
N LEU A 100 4.08 -13.51 -3.66
CA LEU A 100 4.43 -14.69 -2.86
C LEU A 100 3.21 -15.14 -2.07
N GLN A 101 2.48 -14.17 -1.51
CA GLN A 101 1.31 -14.48 -0.72
C GLN A 101 0.26 -15.19 -1.59
N MET A 102 -0.01 -14.66 -2.77
CA MET A 102 -1.02 -15.25 -3.63
C MET A 102 -0.56 -16.61 -4.14
N ALA A 103 0.73 -16.74 -4.43
CA ALA A 103 1.27 -17.99 -4.94
C ALA A 103 1.08 -19.09 -3.91
N GLN A 104 1.36 -18.76 -2.65
CA GLN A 104 1.22 -19.75 -1.59
C GLN A 104 -0.26 -20.07 -1.33
N MET A 105 -1.10 -19.06 -1.39
CA MET A 105 -2.54 -19.27 -1.22
C MET A 105 -3.08 -20.16 -2.34
N ASN A 106 -2.66 -19.88 -3.57
CA ASN A 106 -3.18 -20.60 -4.74
C ASN A 106 -2.71 -22.05 -4.76
N LYS A 107 -1.48 -22.29 -4.30
CA LYS A 107 -0.97 -23.64 -4.19
C LYS A 107 -1.66 -24.40 -3.05
N HIS A 108 -1.92 -23.69 -1.96
CA HIS A 108 -2.61 -24.28 -0.82
C HIS A 108 -4.02 -24.74 -1.18
N ILE A 109 -4.79 -23.89 -1.85
CA ILE A 109 -6.19 -24.23 -2.08
C ILE A 109 -6.42 -25.14 -3.28
N ALA A 110 -5.47 -25.23 -4.21
CA ALA A 110 -5.75 -25.98 -5.42
C ALA A 110 -4.57 -26.72 -6.03
N GLY A 111 -3.40 -26.60 -5.41
CA GLY A 111 -2.23 -27.30 -5.92
C GLY A 111 -1.60 -26.71 -7.18
N VAL A 112 -2.09 -25.55 -7.61
CA VAL A 112 -1.55 -24.87 -8.78
C VAL A 112 -0.23 -24.16 -8.43
N ASP A 113 0.78 -24.34 -9.28
CA ASP A 113 2.09 -23.73 -9.08
C ASP A 113 2.19 -22.36 -9.73
N THR A 114 3.07 -21.52 -9.21
CA THR A 114 3.30 -20.20 -9.79
C THR A 114 4.77 -20.01 -10.05
N PHE A 115 5.08 -19.51 -11.24
CA PHE A 115 6.45 -19.16 -11.63
C PHE A 115 6.53 -17.66 -11.82
N PHE A 116 7.58 -17.04 -11.27
CA PHE A 116 7.80 -15.61 -11.44
C PHE A 116 8.91 -15.34 -12.43
N VAL A 117 8.84 -14.21 -13.13
CA VAL A 117 9.98 -13.75 -13.90
C VAL A 117 10.32 -12.32 -13.51
N ALA A 118 11.58 -11.96 -13.63
CA ALA A 118 12.01 -10.61 -13.31
C ALA A 118 11.65 -9.66 -14.45
N THR A 119 11.21 -8.45 -14.11
CA THR A 119 11.00 -7.42 -15.11
C THR A 119 12.23 -7.21 -16.00
N ALA A 120 12.00 -6.82 -17.24
CA ALA A 120 13.07 -6.25 -18.06
C ALA A 120 13.49 -4.97 -17.37
N PRO A 121 14.81 -4.73 -17.25
CA PRO A 121 15.25 -3.51 -16.58
C PRO A 121 14.62 -2.24 -17.14
N ALA A 122 14.43 -2.19 -18.45
CA ALA A 122 13.90 -0.98 -19.09
C ALA A 122 12.46 -0.67 -18.67
N TYR A 123 11.72 -1.68 -18.22
CA TYR A 123 10.31 -1.48 -17.88
C TYR A 123 10.03 -1.61 -16.38
N SER A 124 11.08 -1.57 -15.56
CA SER A 124 10.91 -1.83 -14.14
C SER A 124 9.97 -0.84 -13.44
N PHE A 125 9.95 0.41 -13.91
CA PHE A 125 9.13 1.46 -13.31
C PHE A 125 7.76 1.56 -13.97
N VAL A 126 7.46 0.67 -14.90
CA VAL A 126 6.20 0.76 -15.61
C VAL A 126 5.11 0.01 -14.87
N SER A 127 4.00 0.71 -14.61
CA SER A 127 2.76 0.09 -14.17
C SER A 127 1.58 0.70 -14.91
N SER A 128 0.50 -0.05 -15.01
CA SER A 128 -0.72 0.48 -15.58
C SER A 128 -1.18 1.73 -14.85
N SER A 129 -1.17 1.69 -13.51
CA SER A 129 -1.65 2.80 -12.71
CA SER A 129 -1.64 2.81 -12.71
C SER A 129 -0.82 4.06 -12.98
N LEU A 130 0.50 3.95 -12.91
CA LEU A 130 1.30 5.16 -13.10
C LEU A 130 1.25 5.64 -14.56
N ALA A 131 1.18 4.72 -15.53
CA ALA A 131 1.07 5.15 -16.93
C ALA A 131 -0.24 5.89 -17.18
N LYS A 132 -1.32 5.39 -16.60
CA LYS A 132 -2.62 6.05 -16.70
C LYS A 132 -2.55 7.43 -16.06
N GLU A 133 -1.93 7.52 -14.89
CA GLU A 133 -1.83 8.80 -14.20
C GLU A 133 -1.01 9.81 -15.00
N VAL A 134 0.15 9.38 -15.51
CA VAL A 134 0.96 10.28 -16.31
C VAL A 134 0.22 10.76 -17.57
N ALA A 135 -0.48 9.85 -18.23
CA ALA A 135 -1.19 10.23 -19.45
C ALA A 135 -2.36 11.16 -19.13
N THR A 136 -2.98 10.97 -17.97
CA THR A 136 -4.08 11.82 -17.54
C THR A 136 -3.64 13.28 -17.53
N TYR A 137 -2.38 13.52 -17.18
CA TYR A 137 -1.86 14.88 -17.12
C TYR A 137 -0.98 15.26 -18.30
N GLY A 138 -1.08 14.50 -19.40
CA GLY A 138 -0.46 14.89 -20.66
C GLY A 138 0.98 14.49 -20.83
N GLY A 139 1.50 13.65 -19.94
CA GLY A 139 2.86 13.17 -20.08
C GLY A 139 2.98 12.10 -21.13
N ASP A 140 4.20 11.94 -21.64
CA ASP A 140 4.46 11.06 -22.77
C ASP A 140 4.78 9.63 -22.33
N VAL A 141 3.78 8.75 -22.43
CA VAL A 141 3.96 7.34 -22.06
C VAL A 141 4.05 6.45 -23.30
N SER A 142 4.33 7.07 -24.46
CA SER A 142 4.32 6.32 -25.72
C SER A 142 5.38 5.22 -25.80
N ALA A 143 6.46 5.36 -25.05
CA ALA A 143 7.51 4.34 -25.07
C ALA A 143 7.25 3.19 -24.10
N LEU A 144 6.13 3.26 -23.38
CA LEU A 144 5.86 2.30 -22.31
C LEU A 144 4.68 1.37 -22.63
N LEU A 145 3.98 1.68 -23.70
CA LEU A 145 2.74 0.97 -24.06
C LEU A 145 2.76 0.54 -25.51
N PRO A 146 2.03 -0.55 -25.81
CA PRO A 146 1.88 -0.93 -27.22
C PRO A 146 1.16 0.18 -27.97
N ALA A 147 1.43 0.30 -29.27
CA ALA A 147 0.89 1.40 -30.08
C ALA A 147 -0.63 1.52 -30.00
N SER A 148 -1.33 0.39 -30.12
CA SER A 148 -2.77 0.40 -30.10
C SER A 148 -3.30 0.82 -28.73
N VAL A 149 -2.64 0.36 -27.66
CA VAL A 149 -3.03 0.73 -26.30
C VAL A 149 -2.91 2.24 -26.11
N HIS A 150 -1.79 2.77 -26.56
CA HIS A 150 -1.52 4.20 -26.43
C HIS A 150 -2.63 5.04 -27.07
N GLN A 151 -3.01 4.67 -28.28
CA GLN A 151 -4.11 5.37 -28.96
C GLN A 151 -5.42 5.28 -28.18
N ARG A 152 -5.75 4.08 -27.72
CA ARG A 152 -7.03 3.91 -27.05
C ARG A 152 -7.04 4.60 -25.69
N LEU A 153 -5.89 4.63 -25.02
CA LEU A 153 -5.79 5.27 -23.72
C LEU A 153 -5.97 6.78 -23.85
N LEU A 154 -5.22 7.38 -24.77
CA LEU A 154 -5.29 8.83 -24.96
C LEU A 154 -6.69 9.25 -25.41
N GLY A 155 -7.29 8.48 -26.32
CA GLY A 155 -8.67 8.73 -26.73
C GLY A 155 -9.64 8.65 -25.57
N LYS A 156 -9.51 7.62 -24.74
CA LYS A 156 -10.34 7.42 -23.58
C LYS A 156 -10.24 8.60 -22.60
N LEU A 157 -9.02 9.03 -22.34
CA LEU A 157 -8.77 10.14 -21.42
C LEU A 157 -9.32 11.45 -21.94
N ARG A 158 -9.26 11.65 -23.26
CA ARG A 158 -9.74 12.90 -23.83
C ARG A 158 -11.26 12.97 -23.73
N GLY A 159 -11.92 11.83 -23.80
CA GLY A 159 -13.34 11.75 -23.54
C GLY A 159 -13.60 11.99 -22.05
N GLN A 160 -12.50 11.95 -21.29
CA GLN A 160 -12.49 12.18 -19.84
CA GLN A 160 -12.50 12.18 -19.84
C GLN A 160 -13.36 11.16 -19.09
N ALA A 161 -13.06 9.88 -19.33
CA ALA A 161 -13.71 8.79 -18.62
C ALA A 161 -12.61 7.89 -18.04
N MET B 2 22.68 29.75 -11.78
CA MET B 2 21.80 29.59 -10.63
C MET B 2 21.17 28.19 -10.61
N THR B 3 21.38 27.46 -9.52
CA THR B 3 20.82 26.13 -9.38
C THR B 3 19.47 26.19 -8.67
N GLY B 4 18.62 25.19 -8.88
CA GLY B 4 17.31 25.22 -8.26
C GLY B 4 16.63 23.87 -8.23
N ALA B 5 15.74 23.69 -7.27
CA ALA B 5 15.01 22.44 -7.17
C ALA B 5 13.61 22.70 -6.67
N VAL B 6 12.69 21.81 -7.04
CA VAL B 6 11.34 21.83 -6.54
C VAL B 6 11.19 20.73 -5.49
N CYS B 7 10.56 21.06 -4.37
CA CYS B 7 10.19 20.06 -3.36
C CYS B 7 8.68 19.89 -3.36
N PRO B 8 8.19 18.89 -4.09
CA PRO B 8 6.75 18.71 -4.25
C PRO B 8 6.18 17.77 -3.20
N GLY B 9 4.89 17.91 -2.93
CA GLY B 9 4.23 17.00 -2.02
C GLY B 9 2.80 17.42 -1.78
N SER B 10 2.10 16.63 -0.96
CA SER B 10 0.78 16.99 -0.49
C SER B 10 0.87 17.95 0.68
N PHE B 11 1.83 17.71 1.57
CA PHE B 11 2.03 18.54 2.76
C PHE B 11 0.71 18.85 3.48
N ASP B 12 0.04 17.80 3.95
CA ASP B 12 -1.31 17.92 4.48
C ASP B 12 -1.42 17.31 5.88
N PRO B 13 -0.84 17.98 6.88
CA PRO B 13 -0.08 19.22 6.85
C PRO B 13 1.42 19.00 6.77
N VAL B 14 2.17 20.08 6.57
CA VAL B 14 3.62 19.99 6.69
C VAL B 14 4.03 19.53 8.10
N THR B 15 5.03 18.65 8.15
CA THR B 15 5.56 18.18 9.42
C THR B 15 7.01 18.58 9.62
N LEU B 16 7.56 18.28 10.79
CA LEU B 16 8.96 18.60 11.04
C LEU B 16 9.87 17.75 10.14
N GLY B 17 9.35 16.62 9.67
CA GLY B 17 10.11 15.80 8.73
C GLY B 17 10.26 16.47 7.38
N HIS B 18 9.16 17.02 6.88
CA HIS B 18 9.20 17.81 5.66
C HIS B 18 10.13 19.00 5.78
N LEU B 19 10.06 19.70 6.92
CA LEU B 19 10.85 20.90 7.13
CA LEU B 19 10.86 20.90 7.12
C LEU B 19 12.33 20.57 7.10
N ASP B 20 12.69 19.43 7.64
CA ASP B 20 14.06 18.97 7.62
C ASP B 20 14.55 18.79 6.17
N VAL B 21 13.70 18.24 5.32
CA VAL B 21 14.02 18.14 3.90
C VAL B 21 14.20 19.53 3.27
N PHE B 22 13.28 20.44 3.56
CA PHE B 22 13.34 21.79 2.99
C PHE B 22 14.66 22.47 3.35
N GLU B 23 15.03 22.34 4.63
CA GLU B 23 16.25 22.97 5.14
C GLU B 23 17.47 22.43 4.43
N ARG B 24 17.52 21.11 4.25
CA ARG B 24 18.67 20.53 3.59
C ARG B 24 18.71 20.86 2.09
N ALA B 25 17.55 20.92 1.46
CA ALA B 25 17.48 21.34 0.06
C ALA B 25 17.94 22.79 -0.09
N ALA B 26 17.46 23.64 0.80
CA ALA B 26 17.79 25.07 0.73
C ALA B 26 19.27 25.33 0.98
N ALA B 27 19.90 24.43 1.73
CA ALA B 27 21.33 24.58 2.01
C ALA B 27 22.18 24.25 0.79
N GLN B 28 21.64 23.47 -0.15
CA GLN B 28 22.44 23.03 -1.29
C GLN B 28 22.06 23.63 -2.63
N PHE B 29 20.83 24.11 -2.76
CA PHE B 29 20.38 24.72 -4.01
C PHE B 29 20.19 26.24 -3.85
N ASP B 30 20.41 26.99 -4.92
CA ASP B 30 20.29 28.45 -4.86
C ASP B 30 18.86 28.89 -4.62
N GLU B 31 17.92 28.18 -5.23
CA GLU B 31 16.51 28.44 -4.95
C GLU B 31 15.77 27.12 -4.77
N VAL B 32 14.85 27.11 -3.83
CA VAL B 32 13.97 25.98 -3.63
C VAL B 32 12.53 26.45 -3.74
N ILE B 33 11.74 25.75 -4.54
CA ILE B 33 10.31 26.01 -4.61
C ILE B 33 9.59 24.81 -4.03
N VAL B 34 8.88 25.04 -2.94
CA VAL B 34 8.00 24.00 -2.39
C VAL B 34 6.70 24.06 -3.17
N ALA B 35 6.35 22.95 -3.80
CA ALA B 35 5.13 22.86 -4.61
C ALA B 35 4.09 22.02 -3.90
N VAL B 36 2.94 22.63 -3.61
CA VAL B 36 1.85 21.96 -2.94
C VAL B 36 0.90 21.43 -4.00
N LEU B 37 0.87 20.11 -4.17
CA LEU B 37 -0.02 19.52 -5.16
C LEU B 37 -1.04 18.64 -4.47
N ILE B 38 -2.20 18.46 -5.12
CA ILE B 38 -3.10 17.43 -4.65
C ILE B 38 -2.63 16.07 -5.15
N ASN B 39 -2.43 15.14 -4.22
CA ASN B 39 -2.12 13.76 -4.59
C ASN B 39 -3.39 13.10 -5.10
N PRO B 40 -3.32 12.51 -6.30
CA PRO B 40 -4.53 11.94 -6.91
C PRO B 40 -5.45 11.05 -6.03
N ASN B 41 -5.10 10.70 -4.79
CA ASN B 41 -5.99 9.87 -4.06
C ASN B 41 -5.98 10.34 -2.62
N LYS B 42 -6.56 11.51 -2.46
CA LYS B 42 -7.07 12.09 -1.22
C LYS B 42 -8.09 13.14 -1.60
N ALA B 43 -8.53 13.91 -0.62
CA ALA B 43 -9.24 15.17 -0.84
C ALA B 43 -8.67 16.17 0.16
N GLY B 44 -8.02 15.61 1.17
CA GLY B 44 -7.22 16.36 2.11
C GLY B 44 -7.97 16.84 3.34
N MET B 45 -7.23 17.11 4.40
CA MET B 45 -7.78 17.79 5.56
C MET B 45 -7.73 19.30 5.40
N PHE B 46 -6.64 19.79 4.81
CA PHE B 46 -6.45 21.21 4.64
C PHE B 46 -6.56 21.61 3.18
N THR B 47 -7.05 22.83 2.92
CA THR B 47 -7.08 23.35 1.56
C THR B 47 -5.66 23.62 1.12
N VAL B 48 -5.45 23.72 -0.20
CA VAL B 48 -4.13 24.07 -0.73
C VAL B 48 -3.63 25.38 -0.12
N ASP B 49 -4.50 26.39 -0.05
CA ASP B 49 -4.11 27.68 0.51
C ASP B 49 -3.70 27.55 1.98
N GLU B 50 -4.41 26.74 2.74
CA GLU B 50 -4.04 26.52 4.14
C GLU B 50 -2.69 25.82 4.24
N ARG B 51 -2.47 24.82 3.40
CA ARG B 51 -1.18 24.12 3.37
C ARG B 51 -0.04 25.07 3.03
N ILE B 52 -0.26 25.94 2.05
CA ILE B 52 0.76 26.90 1.65
C ILE B 52 1.12 27.85 2.79
N GLU B 53 0.12 28.36 3.50
CA GLU B 53 0.38 29.27 4.61
C GLU B 53 1.15 28.58 5.73
N MET B 54 0.78 27.34 6.04
CA MET B 54 1.49 26.61 7.10
C MET B 54 2.94 26.42 6.73
N ILE B 55 3.22 26.15 5.45
CA ILE B 55 4.60 26.02 5.01
C ILE B 55 5.34 27.36 5.06
N ARG B 56 4.73 28.41 4.54
CA ARG B 56 5.37 29.73 4.56
C ARG B 56 5.73 30.18 5.99
N GLU B 57 4.82 29.95 6.93
CA GLU B 57 5.06 30.35 8.31
C GLU B 57 6.18 29.54 8.97
N SER B 58 6.40 28.31 8.48
CA SER B 58 7.40 27.42 9.06
C SER B 58 8.76 27.52 8.39
N THR B 59 8.83 28.27 7.29
CA THR B 59 10.06 28.34 6.52
C THR B 59 10.58 29.76 6.36
N ALA B 60 10.12 30.66 7.22
CA ALA B 60 10.50 32.08 7.12
C ALA B 60 12.02 32.26 7.18
N ASP B 61 12.69 31.38 7.93
CA ASP B 61 14.14 31.42 8.09
C ASP B 61 14.93 30.82 6.93
N LEU B 62 14.24 30.39 5.87
CA LEU B 62 14.91 29.91 4.67
C LEU B 62 14.68 30.90 3.55
N PRO B 63 15.57 31.89 3.41
CA PRO B 63 15.24 33.01 2.52
C PRO B 63 15.21 32.65 1.06
N ASN B 64 15.90 31.59 0.67
CA ASN B 64 15.90 31.17 -0.72
C ASN B 64 14.83 30.13 -1.03
N LEU B 65 13.84 29.98 -0.16
CA LEU B 65 12.75 29.04 -0.39
C LEU B 65 11.45 29.79 -0.55
N ARG B 66 10.66 29.44 -1.55
CA ARG B 66 9.31 29.99 -1.66
C ARG B 66 8.32 28.86 -1.89
N VAL B 67 7.04 29.17 -1.77
CA VAL B 67 5.99 28.15 -1.77
C VAL B 67 4.92 28.48 -2.78
N GLU B 68 4.42 27.47 -3.50
CA GLU B 68 3.52 27.68 -4.60
C GLU B 68 2.59 26.49 -4.71
N SER B 69 1.39 26.69 -5.23
CA SER B 69 0.53 25.56 -5.62
C SER B 69 0.95 25.02 -6.98
N GLY B 70 0.74 23.73 -7.20
CA GLY B 70 1.00 23.16 -8.49
C GLY B 70 -0.22 22.35 -8.92
N GLN B 71 -0.48 22.35 -10.21
CA GLN B 71 -1.54 21.55 -10.80
C GLN B 71 -0.95 20.76 -11.95
N GLY B 72 -1.59 19.65 -12.29
CA GLY B 72 -1.16 18.86 -13.42
C GLY B 72 0.14 18.11 -13.21
N LEU B 73 0.88 17.92 -14.29
CA LEU B 73 2.06 17.07 -14.28
C LEU B 73 3.22 17.75 -13.55
N LEU B 74 3.80 17.07 -12.56
CA LEU B 74 4.94 17.62 -11.85
C LEU B 74 6.09 18.06 -12.76
N VAL B 75 6.46 17.24 -13.75
CA VAL B 75 7.64 17.59 -14.55
C VAL B 75 7.34 18.83 -15.39
N ASP B 76 6.07 19.11 -15.66
CA ASP B 76 5.74 20.36 -16.38
C ASP B 76 5.96 21.54 -15.46
N PHE B 77 5.52 21.43 -14.20
CA PHE B 77 5.74 22.45 -13.20
C PHE B 77 7.22 22.80 -13.09
N VAL B 78 8.05 21.76 -13.03
CA VAL B 78 9.48 21.93 -12.86
C VAL B 78 10.09 22.64 -14.06
N ARG B 79 9.77 22.15 -15.26
CA ARG B 79 10.38 22.71 -16.46
C ARG B 79 9.88 24.11 -16.75
N GLU B 80 8.62 24.40 -16.42
CA GLU B 80 8.04 25.72 -16.65
C GLU B 80 8.74 26.80 -15.85
N ARG B 81 9.30 26.42 -14.71
CA ARG B 81 10.03 27.34 -13.85
C ARG B 81 11.53 27.31 -14.10
N GLY B 82 11.91 26.67 -15.20
CA GLY B 82 13.28 26.64 -15.65
C GLY B 82 14.21 25.78 -14.81
N LEU B 83 13.62 24.85 -14.08
CA LEU B 83 14.40 23.94 -13.26
C LEU B 83 14.42 22.54 -13.86
N ASN B 84 15.26 21.67 -13.32
CA ASN B 84 15.34 20.30 -13.82
C ASN B 84 15.62 19.31 -12.70
N ALA B 85 15.36 19.73 -11.46
CA ALA B 85 15.62 18.89 -10.29
C ALA B 85 14.47 18.93 -9.30
N ILE B 86 14.11 17.73 -8.83
CA ILE B 86 13.12 17.51 -7.78
C ILE B 86 13.87 17.02 -6.56
N VAL B 87 13.50 17.49 -5.37
CA VAL B 87 14.05 16.93 -4.13
C VAL B 87 12.92 16.32 -3.29
N LYS B 88 13.08 15.04 -2.94
CA LYS B 88 12.13 14.30 -2.11
C LYS B 88 12.86 13.78 -0.89
N GLY B 89 12.13 13.23 0.07
CA GLY B 89 12.74 12.66 1.26
C GLY B 89 12.36 11.18 1.37
N LEU B 90 13.20 10.41 2.05
CA LEU B 90 12.92 8.99 2.26
C LEU B 90 13.02 8.61 3.72
N ARG B 91 11.99 7.95 4.25
CA ARG B 91 12.01 7.40 5.60
C ARG B 91 12.27 5.90 5.57
N THR B 92 11.52 5.23 4.72
CA THR B 92 11.38 3.78 4.75
C THR B 92 11.63 3.13 3.41
N GLY B 93 11.74 1.81 3.41
CA GLY B 93 11.81 1.05 2.18
C GLY B 93 10.59 1.24 1.31
N THR B 94 9.43 1.46 1.95
CA THR B 94 8.20 1.73 1.20
C THR B 94 8.31 3.06 0.45
N ASP B 95 8.78 4.09 1.15
CA ASP B 95 9.12 5.35 0.48
C ASP B 95 10.06 5.13 -0.69
N PHE B 96 11.13 4.38 -0.45
CA PHE B 96 12.12 4.14 -1.50
C PHE B 96 11.50 3.55 -2.77
N GLU B 97 10.68 2.52 -2.62
CA GLU B 97 10.12 1.86 -3.81
C GLU B 97 9.22 2.82 -4.58
N TYR B 98 8.35 3.52 -3.83
CA TYR B 98 7.42 4.49 -4.37
C TYR B 98 8.14 5.62 -5.09
N GLU B 99 9.12 6.18 -4.41
CA GLU B 99 9.83 7.32 -4.97
C GLU B 99 10.74 6.91 -6.11
N LEU B 100 11.34 5.72 -6.04
CA LEU B 100 12.21 5.28 -7.12
C LEU B 100 11.38 5.15 -8.41
N GLN B 101 10.19 4.58 -8.30
CA GLN B 101 9.33 4.44 -9.47
C GLN B 101 9.04 5.81 -10.09
N MET B 102 8.63 6.77 -9.27
CA MET B 102 8.28 8.09 -9.79
C MET B 102 9.50 8.81 -10.35
N ALA B 103 10.65 8.64 -9.69
CA ALA B 103 11.87 9.30 -10.15
C ALA B 103 12.27 8.78 -11.54
N GLN B 104 12.19 7.46 -11.74
CA GLN B 104 12.54 6.90 -13.03
C GLN B 104 11.53 7.30 -14.10
N MET B 105 10.25 7.33 -13.73
CA MET B 105 9.20 7.78 -14.65
C MET B 105 9.37 9.25 -15.04
N ASN B 106 9.63 10.11 -14.05
CA ASN B 106 9.81 11.54 -14.32
C ASN B 106 11.03 11.81 -15.20
N LYS B 107 12.10 11.06 -14.99
CA LYS B 107 13.28 11.21 -15.82
C LYS B 107 13.01 10.70 -17.23
N HIS B 108 12.29 9.59 -17.34
CA HIS B 108 11.95 9.04 -18.64
C HIS B 108 11.09 9.99 -19.47
N ILE B 109 10.03 10.54 -18.87
CA ILE B 109 9.08 11.33 -19.66
C ILE B 109 9.54 12.77 -19.93
N ALA B 110 10.49 13.30 -19.16
CA ALA B 110 10.86 14.72 -19.26
C ALA B 110 12.32 15.05 -19.00
N GLY B 111 13.12 14.07 -18.60
CA GLY B 111 14.53 14.29 -18.35
C GLY B 111 14.82 15.03 -17.06
N VAL B 112 13.80 15.17 -16.21
CA VAL B 112 13.93 15.84 -14.92
C VAL B 112 14.51 14.86 -13.90
N ASP B 113 15.54 15.28 -13.18
CA ASP B 113 16.15 14.38 -12.21
CA ASP B 113 16.19 14.42 -12.19
C ASP B 113 15.61 14.60 -10.80
N THR B 114 15.79 13.58 -9.96
CA THR B 114 15.31 13.62 -8.59
C THR B 114 16.44 13.27 -7.63
N PHE B 115 16.53 14.04 -6.56
CA PHE B 115 17.49 13.77 -5.49
C PHE B 115 16.72 13.49 -4.24
N PHE B 116 17.13 12.46 -3.50
CA PHE B 116 16.46 12.11 -2.25
C PHE B 116 17.31 12.44 -1.07
N VAL B 117 16.68 12.88 0.02
CA VAL B 117 17.40 12.98 1.27
C VAL B 117 16.86 11.98 2.26
N ALA B 118 17.74 11.45 3.09
CA ALA B 118 17.36 10.55 4.15
C ALA B 118 16.69 11.30 5.28
N THR B 119 15.67 10.69 5.88
CA THR B 119 15.03 11.25 7.05
C THR B 119 16.02 11.48 8.18
N ALA B 120 15.78 12.50 8.98
CA ALA B 120 16.44 12.56 10.26
C ALA B 120 15.95 11.38 11.09
N PRO B 121 16.84 10.73 11.87
CA PRO B 121 16.39 9.61 12.71
C PRO B 121 15.19 9.96 13.61
N ALA B 122 15.17 11.17 14.17
CA ALA B 122 14.09 11.54 15.08
C ALA B 122 12.72 11.61 14.43
N TYR B 123 12.66 11.77 13.10
CA TYR B 123 11.39 11.99 12.43
C TYR B 123 11.02 10.85 11.51
N SER B 124 11.70 9.71 11.65
CA SER B 124 11.54 8.63 10.69
C SER B 124 10.14 8.03 10.67
N PHE B 125 9.47 8.05 11.82
CA PHE B 125 8.13 7.47 11.94
C PHE B 125 7.03 8.50 11.67
N VAL B 126 7.43 9.72 11.34
CA VAL B 126 6.48 10.82 11.20
C VAL B 126 5.91 10.87 9.79
N SER B 127 4.58 10.86 9.69
CA SER B 127 3.87 11.15 8.45
C SER B 127 2.70 12.05 8.76
N SER B 128 2.26 12.81 7.78
CA SER B 128 1.06 13.62 7.94
C SER B 128 -0.15 12.76 8.29
N SER B 129 -0.33 11.64 7.59
CA SER B 129 -1.47 10.77 7.81
CA SER B 129 -1.48 10.78 7.81
C SER B 129 -1.51 10.25 9.23
N LEU B 130 -0.39 9.75 9.73
CA LEU B 130 -0.40 9.17 11.07
C LEU B 130 -0.51 10.25 12.14
N ALA B 131 0.07 11.42 11.89
CA ALA B 131 -0.04 12.53 12.84
C ALA B 131 -1.50 12.97 12.96
N LYS B 132 -2.17 13.08 11.82
CA LYS B 132 -3.57 13.48 11.80
C LYS B 132 -4.44 12.46 12.50
N GLU B 133 -4.16 11.18 12.27
CA GLU B 133 -4.93 10.13 12.95
C GLU B 133 -4.75 10.19 14.47
N VAL B 134 -3.51 10.29 14.94
CA VAL B 134 -3.23 10.36 16.37
C VAL B 134 -3.92 11.58 16.99
N ALA B 135 -3.86 12.71 16.30
CA ALA B 135 -4.44 13.95 16.80
C ALA B 135 -5.97 13.86 16.87
N THR B 136 -6.55 13.19 15.88
CA THR B 136 -8.00 13.01 15.80
C THR B 136 -8.55 12.34 17.06
N TYR B 137 -7.73 11.51 17.72
CA TYR B 137 -8.16 10.82 18.94
C TYR B 137 -7.48 11.36 20.19
N GLY B 138 -6.99 12.59 20.11
CA GLY B 138 -6.55 13.33 21.28
C GLY B 138 -5.10 13.12 21.65
N GLY B 139 -4.34 12.46 20.78
CA GLY B 139 -2.95 12.20 21.03
C GLY B 139 -2.11 13.44 20.78
N ASP B 140 -1.01 13.56 21.50
CA ASP B 140 -0.18 14.75 21.43
C ASP B 140 0.91 14.60 20.38
N VAL B 141 0.76 15.35 19.29
CA VAL B 141 1.71 15.30 18.17
C VAL B 141 2.49 16.61 18.07
N SER B 142 2.53 17.38 19.16
CA SER B 142 3.14 18.71 19.11
C SER B 142 4.63 18.67 18.82
N ALA B 143 5.29 17.57 19.15
CA ALA B 143 6.72 17.46 18.96
C ALA B 143 7.08 17.02 17.54
N LEU B 144 6.06 16.77 16.72
CA LEU B 144 6.25 16.25 15.37
C LEU B 144 5.91 17.27 14.31
N LEU B 145 5.36 18.40 14.73
CA LEU B 145 4.85 19.40 13.80
C LEU B 145 5.37 20.78 14.15
N PRO B 146 5.48 21.66 13.15
CA PRO B 146 5.81 23.05 13.48
C PRO B 146 4.68 23.71 14.26
N ALA B 147 4.98 24.78 14.99
CA ALA B 147 3.96 25.51 15.76
C ALA B 147 2.84 26.05 14.87
N SER B 148 3.16 26.44 13.64
CA SER B 148 2.19 27.00 12.70
C SER B 148 1.13 25.97 12.27
N VAL B 149 1.36 24.71 12.63
CA VAL B 149 0.46 23.65 12.26
C VAL B 149 -0.40 23.20 13.44
N HIS B 150 0.21 23.15 14.63
CA HIS B 150 -0.50 22.58 15.76
CA HIS B 150 -0.45 22.69 15.87
C HIS B 150 -1.83 23.29 16.06
N GLN B 151 -1.85 24.61 16.15
CA GLN B 151 -3.09 25.35 16.41
C GLN B 151 -4.11 25.13 15.31
N ARG B 152 -3.67 25.25 14.06
CA ARG B 152 -4.55 25.02 12.92
C ARG B 152 -5.15 23.61 12.95
N LEU B 153 -4.34 22.64 13.37
CA LEU B 153 -4.78 21.26 13.40
C LEU B 153 -5.84 21.04 14.48
N LEU B 154 -5.60 21.60 15.67
CA LEU B 154 -6.60 21.56 16.75
C LEU B 154 -7.91 22.23 16.32
N GLY B 155 -7.79 23.37 15.67
CA GLY B 155 -8.94 24.10 15.18
C GLY B 155 -9.77 23.29 14.19
N LYS B 156 -9.08 22.57 13.30
CA LYS B 156 -9.77 21.79 12.29
C LYS B 156 -10.42 20.55 12.89
N LEU B 157 -9.89 20.08 14.02
CA LEU B 157 -10.44 18.90 14.68
C LEU B 157 -11.53 19.28 15.67
N ARG B 158 -11.35 20.41 16.35
CA ARG B 158 -12.34 20.91 17.30
C ARG B 158 -13.39 21.77 16.60
N SER C 1 3.78 -9.92 41.67
CA SER C 1 3.39 -9.04 40.57
C SER C 1 3.02 -9.87 39.34
N MET C 2 2.28 -9.27 38.40
CA MET C 2 1.95 -9.96 37.17
C MET C 2 2.17 -9.04 35.98
N THR C 3 2.70 -9.62 34.91
CA THR C 3 2.97 -8.86 33.70
C THR C 3 1.75 -8.93 32.79
N GLY C 4 1.70 -8.07 31.78
CA GLY C 4 0.55 -8.09 30.90
C GLY C 4 0.86 -7.44 29.56
N ALA C 5 0.11 -7.86 28.55
CA ALA C 5 0.24 -7.25 27.22
C ALA C 5 -1.11 -7.21 26.53
N VAL C 6 -1.24 -6.28 25.60
CA VAL C 6 -2.42 -6.18 24.76
C VAL C 6 -2.09 -6.63 23.33
N CYS C 7 -2.93 -7.49 22.77
CA CYS C 7 -2.83 -7.89 21.36
C CYS C 7 -3.92 -7.22 20.56
N PRO C 8 -3.61 -6.08 19.92
CA PRO C 8 -4.65 -5.33 19.19
C PRO C 8 -4.72 -5.68 17.71
N GLY C 9 -5.86 -5.38 17.11
CA GLY C 9 -6.02 -5.55 15.68
C GLY C 9 -7.44 -5.33 15.23
N SER C 10 -7.65 -5.43 13.91
CA SER C 10 -8.99 -5.42 13.35
C SER C 10 -9.68 -6.77 13.58
N PHE C 11 -8.95 -7.86 13.39
CA PHE C 11 -9.45 -9.24 13.55
C PHE C 11 -10.80 -9.41 12.85
N ASP C 12 -10.78 -9.26 11.53
CA ASP C 12 -12.00 -9.17 10.71
C ASP C 12 -11.99 -10.12 9.52
N PRO C 13 -12.08 -11.44 9.77
CA PRO C 13 -12.19 -12.09 11.07
C PRO C 13 -10.86 -12.59 11.61
N VAL C 14 -10.86 -13.06 12.84
CA VAL C 14 -9.68 -13.68 13.41
C VAL C 14 -9.31 -14.94 12.60
N THR C 15 -8.02 -15.12 12.37
CA THR C 15 -7.51 -16.26 11.63
C THR C 15 -6.62 -17.12 12.52
N LEU C 16 -6.21 -18.29 12.02
CA LEU C 16 -5.26 -19.14 12.75
C LEU C 16 -3.91 -18.44 12.97
N GLY C 17 -3.59 -17.49 12.09
CA GLY C 17 -2.38 -16.68 12.25
C GLY C 17 -2.44 -15.78 13.48
N HIS C 18 -3.56 -15.09 13.66
CA HIS C 18 -3.79 -14.28 14.84
C HIS C 18 -3.76 -15.14 16.09
N LEU C 19 -4.46 -16.26 16.03
CA LEU C 19 -4.56 -17.15 17.18
C LEU C 19 -3.18 -17.63 17.60
N ASP C 20 -2.31 -17.90 16.63
CA ASP C 20 -0.96 -18.32 16.96
C ASP C 20 -0.25 -17.24 17.76
N VAL C 21 -0.45 -15.98 17.38
CA VAL C 21 0.15 -14.88 18.12
C VAL C 21 -0.40 -14.79 19.55
N PHE C 22 -1.70 -14.96 19.69
CA PHE C 22 -2.34 -14.88 21.02
C PHE C 22 -1.78 -15.94 21.95
N GLU C 23 -1.63 -17.15 21.42
CA GLU C 23 -1.13 -18.27 22.21
C GLU C 23 0.29 -18.00 22.69
N ARG C 24 1.10 -17.44 21.81
CA ARG C 24 2.47 -17.18 22.17
C ARG C 24 2.59 -16.01 23.13
N ALA C 25 1.74 -15.00 22.97
CA ALA C 25 1.69 -13.92 23.96
C ALA C 25 1.26 -14.43 25.33
N ALA C 26 0.22 -15.27 25.34
CA ALA C 26 -0.32 -15.78 26.61
C ALA C 26 0.65 -16.71 27.31
N ALA C 27 1.61 -17.24 26.57
CA ALA C 27 2.64 -18.09 27.16
C ALA C 27 3.74 -17.30 27.86
N GLN C 28 3.87 -16.02 27.56
CA GLN C 28 4.99 -15.23 28.05
C GLN C 28 4.58 -14.03 28.90
N PHE C 29 3.30 -13.71 28.90
CA PHE C 29 2.79 -12.66 29.77
C PHE C 29 1.75 -13.26 30.70
N ASP C 30 1.71 -12.79 31.94
CA ASP C 30 0.77 -13.36 32.90
C ASP C 30 -0.66 -13.09 32.45
N GLU C 31 -0.86 -11.92 31.84
CA GLU C 31 -2.17 -11.46 31.42
C GLU C 31 -2.15 -10.94 29.98
N VAL C 32 -3.08 -11.41 29.15
CA VAL C 32 -3.20 -10.92 27.78
C VAL C 32 -4.62 -10.41 27.54
N ILE C 33 -4.72 -9.23 26.94
CA ILE C 33 -6.01 -8.70 26.50
C ILE C 33 -5.99 -8.53 24.99
N VAL C 34 -6.88 -9.25 24.31
CA VAL C 34 -7.06 -9.04 22.88
C VAL C 34 -7.97 -7.84 22.67
N ALA C 35 -7.49 -6.85 21.93
CA ALA C 35 -8.22 -5.61 21.75
C ALA C 35 -8.74 -5.50 20.32
N VAL C 36 -10.06 -5.49 20.18
CA VAL C 36 -10.67 -5.28 18.87
C VAL C 36 -10.85 -3.79 18.64
N LEU C 37 -10.11 -3.24 17.66
CA LEU C 37 -10.18 -1.81 17.38
C LEU C 37 -10.49 -1.54 15.91
N ILE C 38 -11.13 -0.42 15.63
CA ILE C 38 -11.38 -0.06 14.25
C ILE C 38 -10.14 0.59 13.64
N ASN C 39 -9.77 0.09 12.47
CA ASN C 39 -8.74 0.70 11.64
C ASN C 39 -9.41 1.72 10.72
N PRO C 40 -9.12 3.03 10.92
CA PRO C 40 -9.81 4.10 10.20
C PRO C 40 -9.52 4.10 8.70
N ASN C 41 -8.64 3.21 8.25
CA ASN C 41 -8.27 3.16 6.85
C ASN C 41 -8.72 1.85 6.20
N LYS C 42 -9.61 1.15 6.89
CA LYS C 42 -10.14 -0.13 6.42
C LYS C 42 -11.67 -0.15 6.40
N ALA C 43 -12.24 -0.84 5.43
CA ALA C 43 -13.68 -1.13 5.42
C ALA C 43 -13.91 -2.52 6.01
N GLY C 44 -14.62 -2.58 7.13
CA GLY C 44 -14.81 -3.83 7.84
C GLY C 44 -15.98 -4.65 7.36
N MET C 45 -15.91 -5.96 7.59
CA MET C 45 -16.98 -6.88 7.20
C MET C 45 -17.88 -7.22 8.39
N PHE C 46 -17.28 -7.83 9.42
CA PHE C 46 -18.01 -8.19 10.63
C PHE C 46 -18.12 -7.01 11.58
N THR C 47 -19.13 -7.04 12.45
CA THR C 47 -19.26 -6.04 13.49
C THR C 47 -18.26 -6.31 14.62
N VAL C 48 -18.03 -5.32 15.47
CA VAL C 48 -17.10 -5.48 16.58
C VAL C 48 -17.56 -6.61 17.49
N ASP C 49 -18.86 -6.64 17.78
CA ASP C 49 -19.40 -7.68 18.64
C ASP C 49 -19.25 -9.06 18.00
N GLU C 50 -19.40 -9.15 16.69
CA GLU C 50 -19.16 -10.41 16.01
C GLU C 50 -17.70 -10.83 16.11
N ARG C 51 -16.80 -9.86 15.92
CA ARG C 51 -15.38 -10.14 15.98
C ARG C 51 -14.99 -10.64 17.36
N ILE C 52 -15.48 -9.96 18.38
CA ILE C 52 -15.23 -10.37 19.77
C ILE C 52 -15.74 -11.78 20.04
N GLU C 53 -16.94 -12.06 19.56
CA GLU C 53 -17.52 -13.39 19.74
C GLU C 53 -16.64 -14.46 19.10
N MET C 54 -16.18 -14.23 17.88
CA MET C 54 -15.37 -15.24 17.20
C MET C 54 -14.03 -15.45 17.90
N ILE C 55 -13.42 -14.38 18.39
CA ILE C 55 -12.16 -14.52 19.13
C ILE C 55 -12.39 -15.33 20.41
N ARG C 56 -13.44 -14.99 21.16
CA ARG C 56 -13.76 -15.68 22.41
C ARG C 56 -13.99 -17.18 22.20
N GLU C 57 -14.71 -17.54 21.15
CA GLU C 57 -14.91 -18.95 20.82
C GLU C 57 -13.60 -19.66 20.55
N SER C 58 -12.68 -18.94 19.92
CA SER C 58 -11.45 -19.53 19.40
C SER C 58 -10.33 -19.58 20.43
N THR C 59 -10.52 -18.91 21.56
CA THR C 59 -9.48 -18.80 22.58
C THR C 59 -9.89 -19.41 23.91
N ALA C 60 -10.86 -20.30 23.89
CA ALA C 60 -11.38 -20.91 25.10
C ALA C 60 -10.30 -21.59 25.92
N ASP C 61 -9.30 -22.15 25.24
CA ASP C 61 -8.24 -22.89 25.91
C ASP C 61 -7.05 -22.04 26.36
N LEU C 62 -7.23 -20.71 26.34
CA LEU C 62 -6.23 -19.80 26.89
C LEU C 62 -6.78 -19.09 28.13
N PRO C 63 -6.52 -19.64 29.33
CA PRO C 63 -7.20 -19.16 30.54
C PRO C 63 -6.82 -17.74 30.95
N ASN C 64 -5.63 -17.28 30.55
CA ASN C 64 -5.18 -15.95 30.97
C ASN C 64 -5.37 -14.85 29.91
N LEU C 65 -6.35 -15.07 29.04
CA LEU C 65 -6.67 -14.11 27.97
C LEU C 65 -8.11 -13.67 28.06
N ARG C 66 -8.35 -12.38 27.85
CA ARG C 66 -9.71 -11.88 27.69
C ARG C 66 -9.80 -11.00 26.46
N VAL C 67 -11.03 -10.74 26.00
CA VAL C 67 -11.26 -9.98 24.78
C VAL C 67 -12.10 -8.74 25.05
N GLU C 68 -11.62 -7.59 24.57
CA GLU C 68 -12.31 -6.32 24.76
C GLU C 68 -12.25 -5.48 23.49
N SER C 69 -12.97 -4.36 23.50
CA SER C 69 -12.91 -3.43 22.38
C SER C 69 -12.54 -2.04 22.87
N GLY C 70 -12.16 -1.17 21.95
CA GLY C 70 -11.85 0.22 22.26
C GLY C 70 -12.22 1.10 21.09
N GLN C 71 -12.42 2.39 21.35
CA GLN C 71 -12.94 3.31 20.33
C GLN C 71 -12.07 4.54 20.11
N GLY C 72 -10.89 4.56 20.72
CA GLY C 72 -9.98 5.68 20.57
C GLY C 72 -8.58 5.20 20.27
N LEU C 73 -7.59 5.88 20.86
CA LEU C 73 -6.20 5.49 20.67
C LEU C 73 -5.88 4.16 21.33
N LEU C 74 -5.14 3.31 20.62
CA LEU C 74 -4.63 2.08 21.22
C LEU C 74 -3.88 2.38 22.53
N VAL C 75 -3.05 3.41 22.56
CA VAL C 75 -2.23 3.64 23.74
C VAL C 75 -3.09 4.03 24.94
N ASP C 76 -4.25 4.61 24.68
CA ASP C 76 -5.17 4.92 25.78
C ASP C 76 -5.78 3.61 26.28
N PHE C 77 -6.12 2.72 25.36
CA PHE C 77 -6.66 1.42 25.73
C PHE C 77 -5.67 0.70 26.65
N VAL C 78 -4.40 0.73 26.29
CA VAL C 78 -3.38 -0.01 27.02
C VAL C 78 -3.17 0.58 28.41
N ARG C 79 -2.99 1.90 28.47
CA ARG C 79 -2.67 2.55 29.74
C ARG C 79 -3.85 2.51 30.70
N GLU C 80 -5.06 2.65 30.17
CA GLU C 80 -6.28 2.61 30.99
C GLU C 80 -6.37 1.32 31.80
N ARG C 81 -5.77 0.27 31.28
CA ARG C 81 -5.83 -1.04 31.92
C ARG C 81 -4.57 -1.32 32.74
N GLY C 82 -3.77 -0.29 32.97
CA GLY C 82 -2.59 -0.41 33.79
C GLY C 82 -1.48 -1.22 33.15
N LEU C 83 -1.47 -1.24 31.82
CA LEU C 83 -0.45 -2.00 31.08
C LEU C 83 0.45 -1.06 30.29
N ASN C 84 1.52 -1.60 29.73
CA ASN C 84 2.44 -0.76 28.96
C ASN C 84 3.08 -1.52 27.83
N ALA C 85 2.43 -2.58 27.39
CA ALA C 85 2.99 -3.43 26.34
C ALA C 85 1.93 -3.87 25.34
N ILE C 86 2.34 -3.83 24.08
CA ILE C 86 1.56 -4.26 22.93
C ILE C 86 2.27 -5.43 22.26
N VAL C 87 1.55 -6.46 21.82
CA VAL C 87 2.17 -7.54 21.04
C VAL C 87 1.53 -7.67 19.67
N LYS C 88 2.36 -7.65 18.64
CA LYS C 88 1.88 -7.71 17.27
C LYS C 88 2.60 -8.84 16.53
N GLY C 89 1.98 -9.37 15.49
CA GLY C 89 2.65 -10.38 14.68
C GLY C 89 3.15 -9.83 13.36
N LEU C 90 4.20 -10.43 12.81
CA LEU C 90 4.76 -10.00 11.51
C LEU C 90 4.84 -11.16 10.53
N ARG C 91 4.31 -10.97 9.32
CA ARG C 91 4.51 -11.92 8.24
C ARG C 91 5.57 -11.43 7.26
N THR C 92 5.44 -10.16 6.86
CA THR C 92 6.15 -9.65 5.71
C THR C 92 6.98 -8.42 6.06
N GLY C 93 7.85 -8.04 5.13
CA GLY C 93 8.56 -6.78 5.20
C GLY C 93 7.62 -5.60 5.26
N THR C 94 6.47 -5.68 4.59
CA THR C 94 5.48 -4.63 4.67
C THR C 94 4.87 -4.52 6.07
N ASP C 95 4.55 -5.66 6.67
CA ASP C 95 4.12 -5.67 8.06
C ASP C 95 5.18 -5.01 8.94
N PHE C 96 6.44 -5.40 8.74
CA PHE C 96 7.52 -4.86 9.54
C PHE C 96 7.53 -3.33 9.49
N GLU C 97 7.48 -2.74 8.30
CA GLU C 97 7.58 -1.28 8.21
C GLU C 97 6.38 -0.59 8.85
N TYR C 98 5.21 -1.15 8.60
CA TYR C 98 3.96 -0.62 9.13
C TYR C 98 3.94 -0.67 10.65
N GLU C 99 4.29 -1.83 11.19
CA GLU C 99 4.29 -2.00 12.63
C GLU C 99 5.41 -1.20 13.31
N LEU C 100 6.58 -1.13 12.67
CA LEU C 100 7.67 -0.33 13.20
C LEU C 100 7.24 1.13 13.36
N GLN C 101 6.58 1.68 12.35
CA GLN C 101 6.15 3.07 12.39
C GLN C 101 5.17 3.28 13.55
N MET C 102 4.19 2.39 13.67
CA MET C 102 3.22 2.52 14.75
C MET C 102 3.87 2.33 16.10
N ALA C 103 4.81 1.39 16.20
CA ALA C 103 5.47 1.14 17.46
C ALA C 103 6.25 2.36 17.93
N GLN C 104 6.91 3.06 17.00
CA GLN C 104 7.67 4.22 17.39
C GLN C 104 6.76 5.40 17.72
N MET C 105 5.67 5.54 16.96
CA MET C 105 4.69 6.57 17.27
C MET C 105 4.06 6.33 18.64
N ASN C 106 3.65 5.11 18.91
CA ASN C 106 3.01 4.78 20.17
C ASN C 106 3.92 4.95 21.37
N LYS C 107 5.20 4.62 21.21
CA LYS C 107 6.19 4.88 22.25
C LYS C 107 6.38 6.38 22.45
N HIS C 108 6.42 7.13 21.35
CA HIS C 108 6.62 8.56 21.43
C HIS C 108 5.49 9.26 22.17
N ILE C 109 4.25 8.94 21.83
CA ILE C 109 3.13 9.70 22.39
C ILE C 109 2.70 9.23 23.78
N ALA C 110 3.06 8.01 24.17
CA ALA C 110 2.55 7.46 25.44
C ALA C 110 3.53 6.61 26.23
N GLY C 111 4.67 6.28 25.65
CA GLY C 111 5.69 5.51 26.36
C GLY C 111 5.39 4.01 26.41
N VAL C 112 4.36 3.61 25.68
CA VAL C 112 3.96 2.21 25.58
C VAL C 112 4.89 1.47 24.63
N ASP C 113 5.34 0.27 25.02
CA ASP C 113 6.26 -0.46 24.14
CA ASP C 113 6.28 -0.52 24.24
C ASP C 113 5.55 -1.54 23.37
N THR C 114 6.19 -1.97 22.28
CA THR C 114 5.60 -2.96 21.41
C THR C 114 6.58 -4.09 21.17
N PHE C 115 6.09 -5.33 21.25
CA PHE C 115 6.87 -6.51 20.94
C PHE C 115 6.26 -7.17 19.72
N PHE C 116 7.10 -7.60 18.79
CA PHE C 116 6.61 -8.27 17.60
C PHE C 116 6.94 -9.74 17.69
N VAL C 117 6.14 -10.59 17.07
CA VAL C 117 6.55 -11.98 16.89
C VAL C 117 6.44 -12.37 15.45
N ALA C 118 7.28 -13.31 15.03
CA ALA C 118 7.24 -13.80 13.67
C ALA C 118 6.06 -14.74 13.46
N THR C 119 5.42 -14.63 12.31
CA THR C 119 4.41 -15.59 11.93
C THR C 119 4.92 -17.02 12.05
N ALA C 120 4.03 -17.95 12.32
CA ALA C 120 4.34 -19.36 12.11
C ALA C 120 4.54 -19.53 10.62
N PRO C 121 5.55 -20.32 10.22
CA PRO C 121 5.76 -20.49 8.77
C PRO C 121 4.51 -20.96 8.02
N ALA C 122 3.73 -21.85 8.61
CA ALA C 122 2.55 -22.38 7.93
C ALA C 122 1.49 -21.31 7.65
N TYR C 123 1.52 -20.19 8.38
CA TYR C 123 0.47 -19.17 8.26
C TYR C 123 1.00 -17.88 7.63
N SER C 124 2.15 -17.96 6.99
CA SER C 124 2.80 -16.76 6.44
C SER C 124 1.94 -16.00 5.45
N PHE C 125 1.14 -16.72 4.67
CA PHE C 125 0.34 -16.12 3.61
C PHE C 125 -1.08 -15.81 4.05
N VAL C 126 -1.38 -16.06 5.33
CA VAL C 126 -2.74 -15.93 5.82
C VAL C 126 -3.00 -14.48 6.23
N SER C 127 -4.02 -13.89 5.63
CA SER C 127 -4.58 -12.63 6.09
C SER C 127 -6.09 -12.71 6.09
N SER C 128 -6.72 -11.90 6.94
CA SER C 128 -8.18 -11.77 6.93
C SER C 128 -8.71 -11.41 5.55
N SER C 129 -8.10 -10.41 4.92
CA SER C 129 -8.55 -9.93 3.63
CA SER C 129 -8.54 -9.93 3.62
C SER C 129 -8.51 -11.01 2.56
N LEU C 130 -7.42 -11.77 2.48
CA LEU C 130 -7.31 -12.76 1.42
C LEU C 130 -8.17 -13.98 1.70
N ALA C 131 -8.33 -14.36 2.96
CA ALA C 131 -9.19 -15.51 3.28
C ALA C 131 -10.64 -15.16 2.93
N LYS C 132 -11.03 -13.92 3.16
CA LYS C 132 -12.37 -13.47 2.81
C LYS C 132 -12.56 -13.49 1.30
N GLU C 133 -11.57 -13.00 0.58
CA GLU C 133 -11.65 -13.00 -0.88
C GLU C 133 -11.75 -14.41 -1.45
N VAL C 134 -10.89 -15.30 -0.98
CA VAL C 134 -10.89 -16.67 -1.48
C VAL C 134 -12.24 -17.35 -1.16
N ALA C 135 -12.74 -17.13 0.05
CA ALA C 135 -14.02 -17.71 0.47
C ALA C 135 -15.18 -17.21 -0.38
N THR C 136 -15.18 -15.91 -0.67
CA THR C 136 -16.20 -15.29 -1.51
C THR C 136 -16.36 -15.99 -2.86
N TYR C 137 -15.26 -16.52 -3.40
CA TYR C 137 -15.32 -17.16 -4.71
C TYR C 137 -15.27 -18.67 -4.62
N GLY C 138 -15.67 -19.20 -3.46
CA GLY C 138 -15.85 -20.63 -3.28
C GLY C 138 -14.64 -21.44 -2.88
N GLY C 139 -13.51 -20.77 -2.66
CA GLY C 139 -12.28 -21.46 -2.32
C GLY C 139 -12.32 -22.00 -0.90
N ASP C 140 -11.56 -23.06 -0.65
CA ASP C 140 -11.54 -23.71 0.65
C ASP C 140 -10.45 -23.13 1.56
N VAL C 141 -10.88 -22.32 2.54
CA VAL C 141 -9.97 -21.71 3.51
C VAL C 141 -10.10 -22.36 4.88
N SER C 142 -10.65 -23.58 4.93
CA SER C 142 -10.91 -24.25 6.19
C SER C 142 -9.65 -24.50 7.03
N ALA C 143 -8.50 -24.64 6.37
CA ALA C 143 -7.26 -24.91 7.09
C ALA C 143 -6.59 -23.64 7.60
N LEU C 144 -7.22 -22.51 7.37
CA LEU C 144 -6.60 -21.21 7.65
C LEU C 144 -7.34 -20.49 8.78
N LEU C 145 -8.56 -20.93 9.05
CA LEU C 145 -9.43 -20.32 10.04
C LEU C 145 -9.89 -21.33 11.10
N PRO C 146 -10.23 -20.85 12.30
CA PRO C 146 -10.91 -21.73 13.25
C PRO C 146 -12.23 -22.21 12.65
N ALA C 147 -12.63 -23.45 12.93
CA ALA C 147 -13.86 -24.00 12.36
C ALA C 147 -15.04 -23.10 12.68
N SER C 148 -15.06 -22.60 13.92
CA SER C 148 -15.99 -21.59 14.37
C SER C 148 -16.12 -20.44 13.37
N VAL C 149 -14.99 -19.84 13.05
CA VAL C 149 -14.95 -18.68 12.15
C VAL C 149 -15.28 -19.08 10.71
N HIS C 150 -14.74 -20.22 10.28
CA HIS C 150 -15.03 -20.75 8.96
C HIS C 150 -16.54 -20.85 8.73
N GLN C 151 -17.24 -21.38 9.72
CA GLN C 151 -18.69 -21.50 9.66
C GLN C 151 -19.37 -20.15 9.56
N ARG C 152 -18.95 -19.20 10.39
CA ARG C 152 -19.56 -17.88 10.40
C ARG C 152 -19.21 -17.09 9.14
N LEU C 153 -18.05 -17.39 8.56
CA LEU C 153 -17.64 -16.75 7.31
C LEU C 153 -18.49 -17.31 6.18
N LEU C 154 -18.47 -18.63 6.03
CA LEU C 154 -19.29 -19.29 5.01
C LEU C 154 -20.76 -18.96 5.18
N GLY C 155 -21.20 -18.81 6.43
CA GLY C 155 -22.56 -18.45 6.74
C GLY C 155 -23.04 -17.17 6.07
N LYS C 156 -22.33 -16.08 6.32
CA LYS C 156 -22.72 -14.78 5.77
C LYS C 156 -22.59 -14.73 4.25
N LEU C 157 -21.55 -15.35 3.73
CA LEU C 157 -21.29 -15.35 2.30
C LEU C 157 -22.38 -16.08 1.53
N ARG C 158 -22.66 -17.31 1.94
CA ARG C 158 -23.68 -18.13 1.31
C ARG C 158 -25.07 -17.80 1.85
#